data_6GE1
#
_entry.id   6GE1
#
_entity_poly.entity_id   1
_entity_poly.type   'polyribonucleotide'
_entity_poly.pdbx_seq_one_letter_code
;UGGUGGU
;
_entity_poly.pdbx_strand_id   A,B,C,D
#
loop_
_chem_comp.id
_chem_comp.type
_chem_comp.name
_chem_comp.formula
G RNA linking GUANOSINE-5'-MONOPHOSPHATE 'C10 H14 N5 O8 P'
U RNA linking URIDINE-5'-MONOPHOSPHATE 'C9 H13 N2 O9 P'
#